data_3MWC
#
_entry.id   3MWC
#
_cell.length_a   138.171
_cell.length_b   53.233
_cell.length_c   59.386
_cell.angle_alpha   90.00
_cell.angle_beta   113.40
_cell.angle_gamma   90.00
#
_symmetry.space_group_name_H-M   'C 1 2 1'
#
loop_
_entity.id
_entity.type
_entity.pdbx_description
1 polymer 'Mandelate racemase/muconate lactonizing protein'
2 non-polymer 'MAGNESIUM ION'
3 non-polymer 'PHOSPHATE ION'
4 water water
#
_entity_poly.entity_id   1
_entity_poly.type   'polypeptide(L)'
_entity_poly.pdbx_seq_one_letter_code
;MSLTESARIDGVSLYEIVIPMKIPFQISSGTCYTRRSLVVEIREGDLFGYGESAPFEEPFYLGETLETTKVILKNHLLPM
ILGKEPLSIEEFNHLIKNGIRGNHFARCGVENAYWDLIAKKNKISLKAMIEKKMKNLGVKQEYLASNNYIESGAALGIPE
DGRIETLIHQVEESLQEGYRRIKIKIKPGWDVEPLQETRRAVGDHFPLWTDANSSFELDQWETFKAMDAAKCLFHEQPLH
YEALLDLKELGERIETPICLDESLISSRVAEFVAKLGISNIWNIKIQRVGGLLEAIKIYKIATDNGIKLWGGTMPESGLG
ARFLISLASFRGFVFPADVAASEKWYGKGNDLVENTMTDGKIYVPDEPGASFDMTLSHLEALGKKIWESQRGEGHHHHHH
;
_entity_poly.pdbx_strand_id   A
#
# COMPACT_ATOMS: atom_id res chain seq x y z
N LEU A 3 22.12 15.14 -5.66
CA LEU A 3 21.40 14.36 -4.60
C LEU A 3 22.22 13.17 -4.09
N THR A 4 22.68 13.24 -2.84
CA THR A 4 23.39 12.14 -2.23
C THR A 4 22.40 11.11 -1.68
N GLU A 5 22.73 9.83 -1.80
CA GLU A 5 21.87 8.78 -1.31
C GLU A 5 22.54 8.02 -0.19
N SER A 6 23.60 8.59 0.36
CA SER A 6 24.39 7.92 1.38
CA SER A 6 24.40 7.92 1.38
C SER A 6 24.18 8.55 2.74
N ALA A 7 24.24 7.72 3.78
CA ALA A 7 24.11 8.18 5.14
C ALA A 7 24.67 7.10 6.07
N ARG A 8 25.18 7.50 7.22
CA ARG A 8 25.68 6.55 8.20
C ARG A 8 24.62 6.36 9.29
N ILE A 9 24.35 5.10 9.62
CA ILE A 9 23.32 4.75 10.58
C ILE A 9 23.92 4.80 11.98
N ASP A 10 23.80 5.96 12.61
CA ASP A 10 24.44 6.19 13.90
C ASP A 10 23.59 5.56 14.99
N GLY A 11 22.27 5.55 14.78
CA GLY A 11 21.36 5.04 15.80
C GLY A 11 20.06 4.52 15.20
N VAL A 12 19.50 3.52 15.85
CA VAL A 12 18.23 2.97 15.41
CA VAL A 12 18.24 2.93 15.40
C VAL A 12 17.32 2.74 16.59
N SER A 13 16.03 3.04 16.40
CA SER A 13 15.06 2.81 17.46
C SER A 13 13.79 2.23 16.86
N LEU A 14 13.00 1.59 17.70
CA LEU A 14 11.76 1.00 17.28
C LEU A 14 10.66 1.47 18.22
N TYR A 15 9.59 2.02 17.66
CA TYR A 15 8.44 2.43 18.43
C TYR A 15 7.30 1.50 18.09
N GLU A 16 6.47 1.17 19.09
CA GLU A 16 5.17 0.58 18.81
C GLU A 16 4.13 1.69 18.95
N ILE A 17 3.40 2.00 17.88
CA ILE A 17 2.36 3.01 17.99
C ILE A 17 1.00 2.33 18.08
N VAL A 18 0.08 2.99 18.78
CA VAL A 18 -1.28 2.49 18.96
C VAL A 18 -2.26 3.64 18.77
N ILE A 19 -3.13 3.54 17.77
CA ILE A 19 -4.08 4.60 17.48
C ILE A 19 -5.52 4.07 17.47
N PRO A 20 -6.35 4.58 18.39
CA PRO A 20 -7.77 4.17 18.47
C PRO A 20 -8.51 4.51 17.19
N MET A 21 -9.18 3.52 16.59
CA MET A 21 -9.93 3.74 15.37
C MET A 21 -11.25 4.39 15.76
N LYS A 22 -11.58 5.48 15.08
CA LYS A 22 -12.88 6.09 15.25
C LYS A 22 -13.92 5.18 14.61
N ILE A 23 -13.51 4.47 13.57
CA ILE A 23 -14.41 3.55 12.87
C ILE A 23 -13.88 2.12 12.91
N PRO A 24 -14.17 1.39 13.99
CA PRO A 24 -13.77 0.00 13.99
C PRO A 24 -14.36 -0.67 12.76
N PHE A 25 -13.53 -1.32 11.96
CA PHE A 25 -14.02 -1.96 10.73
C PHE A 25 -13.85 -3.48 10.75
N GLN A 26 -14.59 -4.14 9.86
CA GLN A 26 -14.56 -5.59 9.74
C GLN A 26 -13.26 -6.06 9.08
N ILE A 27 -12.27 -6.39 9.91
CA ILE A 27 -11.00 -6.90 9.39
C ILE A 27 -11.13 -8.37 9.01
N SER A 28 -10.04 -8.97 8.54
CA SER A 28 -10.08 -10.33 8.03
C SER A 28 -10.07 -11.39 9.15
N SER A 29 -9.91 -10.96 10.39
CA SER A 29 -9.93 -11.88 11.54
C SER A 29 -10.79 -11.38 12.70
N GLY A 30 -11.83 -10.60 12.38
CA GLY A 30 -12.78 -10.14 13.39
C GLY A 30 -12.84 -8.65 13.61
N THR A 31 -12.78 -8.24 14.87
CA THR A 31 -12.84 -6.82 15.23
C THR A 31 -11.52 -6.12 14.95
N CYS A 32 -11.47 -4.83 15.26
CA CYS A 32 -10.29 -4.02 15.02
C CYS A 32 -10.52 -2.59 15.48
N TYR A 33 -10.51 -2.39 16.80
CA TYR A 33 -10.75 -1.07 17.37
C TYR A 33 -9.56 -0.11 17.24
N THR A 34 -8.36 -0.67 17.05
CA THR A 34 -7.15 0.14 17.11
C THR A 34 -6.09 -0.24 16.08
N ARG A 35 -5.45 0.78 15.48
CA ARG A 35 -4.31 0.56 14.59
CA ARG A 35 -4.32 0.56 14.59
C ARG A 35 -3.04 0.41 15.41
N ARG A 36 -2.42 -0.76 15.31
CA ARG A 36 -1.20 -1.06 16.06
C ARG A 36 -0.06 -1.34 15.07
N SER A 37 0.98 -0.54 15.13
CA SER A 37 2.00 -0.54 14.10
C SER A 37 3.36 -0.34 14.68
N LEU A 38 4.37 -0.52 13.85
CA LEU A 38 5.73 -0.27 14.28
C LEU A 38 6.34 0.86 13.50
N VAL A 39 7.14 1.68 14.19
CA VAL A 39 7.77 2.79 13.52
C VAL A 39 9.28 2.68 13.74
N VAL A 40 10.00 2.60 12.63
CA VAL A 40 11.46 2.50 12.65
C VAL A 40 12.06 3.88 12.54
N GLU A 41 12.91 4.21 13.49
CA GLU A 41 13.62 5.48 13.48
C GLU A 41 15.10 5.25 13.22
N ILE A 42 15.63 5.89 12.18
CA ILE A 42 17.04 5.77 11.82
C ILE A 42 17.67 7.15 12.05
N ARG A 43 18.81 7.20 12.72
CA ARG A 43 19.44 8.48 13.04
C ARG A 43 20.79 8.65 12.35
N GLU A 44 20.98 9.74 11.61
CA GLU A 44 22.33 10.20 11.25
C GLU A 44 22.60 11.57 11.85
N GLY A 45 23.59 11.63 12.74
CA GLY A 45 23.86 12.86 13.46
C GLY A 45 22.63 13.35 14.19
N ASP A 46 22.09 14.48 13.73
CA ASP A 46 20.88 15.08 14.30
C ASP A 46 19.66 14.87 13.41
N LEU A 47 19.83 14.16 12.30
CA LEU A 47 18.71 13.91 11.37
C LEU A 47 18.04 12.57 11.68
N PHE A 48 16.73 12.50 11.45
CA PHE A 48 15.98 11.26 11.71
C PHE A 48 15.07 10.92 10.53
N GLY A 49 15.14 9.66 10.09
CA GLY A 49 14.17 9.12 9.11
C GLY A 49 13.21 8.17 9.80
N TYR A 50 11.94 8.18 9.39
CA TYR A 50 10.94 7.29 9.97
C TYR A 50 10.22 6.49 8.91
N GLY A 51 9.95 5.23 9.23
CA GLY A 51 9.24 4.34 8.35
C GLY A 51 8.29 3.46 9.13
N GLU A 52 7.25 2.96 8.47
CA GLU A 52 6.30 2.15 9.21
C GLU A 52 6.29 0.67 8.76
N SER A 53 6.30 -0.26 9.71
CA SER A 53 5.93 -1.63 9.35
C SER A 53 4.54 -1.86 9.92
N ALA A 54 3.61 -2.33 9.10
CA ALA A 54 2.22 -2.50 9.55
C ALA A 54 1.69 -3.91 9.32
N PRO A 55 2.30 -4.92 9.98
CA PRO A 55 1.77 -6.27 9.81
C PRO A 55 0.47 -6.42 10.60
N PHE A 56 -0.30 -7.47 10.31
CA PHE A 56 -1.46 -7.79 11.13
C PHE A 56 -1.03 -8.51 12.39
N GLU A 57 -1.94 -8.65 13.35
CA GLU A 57 -1.57 -9.39 14.55
C GLU A 57 -1.71 -10.89 14.37
N GLU A 58 -2.50 -11.27 13.37
CA GLU A 58 -2.70 -12.69 12.99
C GLU A 58 -2.02 -12.99 11.65
N PRO A 59 -1.56 -14.24 11.47
CA PRO A 59 -0.69 -14.60 10.34
C PRO A 59 -1.39 -14.90 9.02
N PHE A 60 -2.50 -14.24 8.73
CA PHE A 60 -3.26 -14.53 7.52
C PHE A 60 -2.76 -13.80 6.26
N TYR A 61 -1.76 -12.94 6.43
CA TYR A 61 -1.21 -12.18 5.30
C TYR A 61 0.31 -12.38 5.17
N LEU A 62 0.69 -13.28 4.28
CA LEU A 62 2.09 -13.65 4.05
C LEU A 62 2.74 -14.38 5.23
N GLY A 63 1.99 -14.54 6.31
CA GLY A 63 2.46 -15.30 7.46
C GLY A 63 3.17 -14.44 8.48
N GLU A 64 3.32 -13.16 8.18
CA GLU A 64 4.02 -12.29 9.12
C GLU A 64 3.05 -11.66 10.11
N THR A 65 3.48 -11.55 11.36
CA THR A 65 2.66 -10.90 12.34
C THR A 65 3.44 -9.77 13.00
N LEU A 66 2.73 -8.97 13.77
CA LEU A 66 3.37 -7.95 14.59
C LEU A 66 4.49 -8.56 15.42
N GLU A 67 4.20 -9.70 16.05
CA GLU A 67 5.22 -10.33 16.90
C GLU A 67 6.44 -10.85 16.12
N THR A 68 6.23 -11.56 15.01
CA THR A 68 7.38 -12.06 14.26
C THR A 68 8.14 -10.88 13.67
N THR A 69 7.40 -9.84 13.30
CA THR A 69 8.05 -8.64 12.76
C THR A 69 8.94 -8.00 13.82
N LYS A 70 8.46 -7.92 15.06
CA LYS A 70 9.33 -7.45 16.14
C LYS A 70 10.61 -8.29 16.28
N VAL A 71 10.44 -9.60 16.24
CA VAL A 71 11.58 -10.51 16.39
C VAL A 71 12.62 -10.26 15.31
N ILE A 72 12.16 -10.28 14.07
CA ILE A 72 13.02 -10.07 12.93
C ILE A 72 13.75 -8.75 13.02
N LEU A 73 13.05 -7.71 13.48
CA LEU A 73 13.58 -6.37 13.49
C LEU A 73 14.61 -6.21 14.59
N LYS A 74 14.23 -6.61 15.80
CA LYS A 74 15.10 -6.51 16.98
C LYS A 74 16.35 -7.37 16.91
N ASN A 75 16.17 -8.61 16.53
CA ASN A 75 17.22 -9.60 16.57
C ASN A 75 18.02 -9.76 15.31
N HIS A 76 17.53 -9.25 14.20
CA HIS A 76 18.28 -9.37 12.99
C HIS A 76 18.48 -8.11 12.19
N LEU A 77 17.40 -7.56 11.67
CA LEU A 77 17.52 -6.43 10.77
C LEU A 77 18.06 -5.12 11.33
N LEU A 78 17.57 -4.66 12.47
CA LEU A 78 18.04 -3.39 13.06
C LEU A 78 19.50 -3.43 13.53
N PRO A 79 19.93 -4.51 14.19
CA PRO A 79 21.37 -4.68 14.51
C PRO A 79 22.24 -4.73 13.25
N MET A 80 21.78 -5.43 12.21
CA MET A 80 22.57 -5.50 10.97
C MET A 80 22.89 -4.12 10.36
N ILE A 81 21.92 -3.20 10.37
CA ILE A 81 22.14 -1.88 9.74
C ILE A 81 22.90 -0.87 10.64
N LEU A 82 22.95 -1.13 11.93
CA LEU A 82 23.57 -0.17 12.86
C LEU A 82 25.04 0.04 12.49
N GLY A 83 25.43 1.30 12.34
CA GLY A 83 26.81 1.66 12.05
C GLY A 83 27.15 1.58 10.58
N LYS A 84 26.25 1.03 9.78
CA LYS A 84 26.52 0.90 8.36
C LYS A 84 26.48 2.25 7.66
N GLU A 85 27.22 2.37 6.55
CA GLU A 85 27.14 3.58 5.74
C GLU A 85 26.92 3.26 4.27
N PRO A 86 25.68 2.88 3.94
CA PRO A 86 25.32 2.56 2.57
C PRO A 86 25.57 3.71 1.60
N LEU A 87 26.00 3.37 0.39
CA LEU A 87 26.31 4.37 -0.63
C LEU A 87 25.11 4.83 -1.44
N SER A 88 24.03 4.06 -1.40
CA SER A 88 22.84 4.40 -2.17
C SER A 88 21.63 3.66 -1.62
N ILE A 89 20.47 4.05 -2.13
CA ILE A 89 19.20 3.38 -1.83
C ILE A 89 19.23 1.95 -2.33
N GLU A 90 19.81 1.75 -3.51
CA GLU A 90 19.94 0.41 -4.06
C GLU A 90 20.88 -0.44 -3.20
N GLU A 91 21.97 0.14 -2.70
CA GLU A 91 22.87 -0.63 -1.87
C GLU A 91 22.23 -0.95 -0.50
N PHE A 92 21.49 0.00 0.06
CA PHE A 92 20.77 -0.28 1.29
C PHE A 92 19.71 -1.38 1.09
N ASN A 93 19.02 -1.36 -0.04
CA ASN A 93 18.11 -2.45 -0.35
C ASN A 93 18.83 -3.80 -0.39
N HIS A 94 19.99 -3.84 -1.02
CA HIS A 94 20.73 -5.10 -1.03
C HIS A 94 21.10 -5.50 0.39
N LEU A 95 21.55 -4.54 1.19
CA LEU A 95 21.97 -4.79 2.56
C LEU A 95 20.88 -5.47 3.39
N ILE A 96 19.65 -4.97 3.29
CA ILE A 96 18.54 -5.43 4.14
C ILE A 96 17.97 -6.77 3.69
N LYS A 97 18.18 -7.10 2.45
CA LYS A 97 17.72 -8.34 1.92
CA LYS A 97 17.74 -8.37 1.88
C LYS A 97 18.75 -9.40 2.19
N ASN A 98 19.96 -9.03 2.57
CA ASN A 98 20.98 -10.03 2.50
C ASN A 98 20.79 -11.05 3.58
N GLY A 99 20.63 -10.54 4.78
CA GLY A 99 20.53 -11.37 5.94
C GLY A 99 19.09 -11.75 6.22
N ILE A 100 18.19 -11.31 5.36
CA ILE A 100 16.82 -11.60 5.63
C ILE A 100 15.95 -11.78 4.42
N ARG A 101 15.60 -13.00 4.08
CA ARG A 101 14.61 -13.24 3.05
C ARG A 101 13.16 -13.18 3.60
N GLY A 102 12.16 -13.05 2.74
CA GLY A 102 10.76 -12.87 3.17
C GLY A 102 10.61 -11.65 4.07
N ASN A 103 9.69 -11.71 5.03
CA ASN A 103 9.55 -10.65 6.02
C ASN A 103 9.46 -9.25 5.44
N HIS A 104 8.58 -9.09 4.46
CA HIS A 104 8.44 -7.83 3.74
C HIS A 104 7.97 -6.63 4.56
N PHE A 105 7.16 -6.86 5.59
CA PHE A 105 6.74 -5.75 6.46
C PHE A 105 7.93 -5.18 7.23
N ALA A 106 8.77 -6.06 7.76
CA ALA A 106 9.96 -5.60 8.50
C ALA A 106 10.89 -4.82 7.58
N ARG A 107 11.14 -5.39 6.42
CA ARG A 107 12.04 -4.76 5.46
CA ARG A 107 12.02 -4.78 5.42
C ARG A 107 11.46 -3.44 4.98
N CYS A 108 10.15 -3.39 4.78
CA CYS A 108 9.53 -2.15 4.32
C CYS A 108 9.70 -0.99 5.31
N GLY A 109 9.51 -1.26 6.60
CA GLY A 109 9.59 -0.18 7.58
C GLY A 109 11.01 0.41 7.61
N VAL A 110 12.00 -0.46 7.51
CA VAL A 110 13.41 -0.05 7.50
C VAL A 110 13.77 0.63 6.19
N GLU A 111 13.31 0.07 5.09
CA GLU A 111 13.66 0.63 3.78
C GLU A 111 13.07 2.04 3.63
N ASN A 112 11.80 2.20 4.01
CA ASN A 112 11.09 3.48 3.92
C ASN A 112 11.75 4.51 4.84
N ALA A 113 12.14 4.10 6.04
CA ALA A 113 12.78 5.05 6.97
C ALA A 113 14.04 5.62 6.32
N TYR A 114 14.73 4.79 5.53
CA TYR A 114 15.96 5.25 4.86
C TYR A 114 15.64 6.29 3.79
N TRP A 115 14.57 6.07 3.02
CA TRP A 115 14.15 7.10 2.06
C TRP A 115 13.84 8.40 2.80
N ASP A 116 13.15 8.31 3.94
CA ASP A 116 12.75 9.50 4.69
C ASP A 116 14.01 10.23 5.13
N LEU A 117 14.99 9.49 5.64
CA LEU A 117 16.22 10.11 6.14
C LEU A 117 16.96 10.82 5.01
N ILE A 118 17.05 10.16 3.86
CA ILE A 118 17.77 10.72 2.71
C ILE A 118 17.04 11.93 2.12
N ALA A 119 15.71 11.88 2.13
CA ALA A 119 14.89 12.97 1.64
C ALA A 119 15.10 14.23 2.48
N LYS A 120 15.16 14.06 3.79
CA LYS A 120 15.30 15.18 4.69
C LYS A 120 16.70 15.75 4.63
N LYS A 121 17.68 14.87 4.66
CA LYS A 121 19.09 15.27 4.57
C LYS A 121 19.31 16.11 3.31
N ASN A 122 18.61 15.76 2.23
CA ASN A 122 18.72 16.51 0.98
C ASN A 122 17.69 17.64 0.82
N LYS A 123 16.81 17.79 1.80
CA LYS A 123 15.75 18.79 1.71
CA LYS A 123 15.75 18.79 1.71
C LYS A 123 14.97 18.66 0.40
N ILE A 124 14.52 17.45 0.09
CA ILE A 124 13.79 17.22 -1.14
C ILE A 124 12.56 16.34 -0.89
N SER A 125 11.56 16.48 -1.75
CA SER A 125 10.31 15.74 -1.56
C SER A 125 10.46 14.27 -1.95
N LEU A 126 9.71 13.40 -1.29
CA LEU A 126 9.72 12.01 -1.67
C LEU A 126 9.44 11.92 -3.15
N LYS A 127 8.43 12.66 -3.58
CA LYS A 127 8.02 12.56 -4.96
C LYS A 127 9.22 12.83 -5.87
N ALA A 128 10.01 13.84 -5.50
CA ALA A 128 11.17 14.21 -6.32
C ALA A 128 12.22 13.11 -6.36
N MET A 129 12.45 12.42 -5.23
CA MET A 129 13.42 11.34 -5.19
CA MET A 129 13.42 11.33 -5.15
C MET A 129 12.95 10.16 -6.02
N ILE A 130 11.66 9.90 -5.97
CA ILE A 130 11.09 8.79 -6.72
C ILE A 130 11.22 9.04 -8.22
N GLU A 131 10.88 10.25 -8.65
CA GLU A 131 11.01 10.59 -10.07
C GLU A 131 12.46 10.40 -10.54
N LYS A 132 13.41 10.86 -9.75
CA LYS A 132 14.82 10.72 -10.13
C LYS A 132 15.22 9.25 -10.22
N LYS A 133 14.85 8.46 -9.21
CA LYS A 133 15.14 7.03 -9.22
C LYS A 133 14.53 6.36 -10.45
N MET A 134 13.25 6.65 -10.68
CA MET A 134 12.51 6.17 -11.87
C MET A 134 13.35 6.47 -13.12
N LYS A 135 13.83 7.71 -13.20
CA LYS A 135 14.58 8.15 -14.36
C LYS A 135 15.88 7.39 -14.49
N ASN A 136 16.59 7.24 -13.39
CA ASN A 136 17.85 6.47 -13.37
C ASN A 136 17.66 5.02 -13.76
N LEU A 137 16.46 4.49 -13.50
CA LEU A 137 16.20 3.09 -13.79
C LEU A 137 15.75 2.91 -15.22
N GLY A 138 15.52 4.01 -15.92
CA GLY A 138 15.16 3.96 -17.32
C GLY A 138 13.66 3.86 -17.57
N VAL A 139 12.87 4.24 -16.58
CA VAL A 139 11.43 4.37 -16.79
C VAL A 139 11.12 5.30 -17.97
N LYS A 140 10.21 4.90 -18.84
CA LYS A 140 9.88 5.69 -20.03
C LYS A 140 9.43 7.11 -19.70
N GLN A 141 9.91 8.07 -20.50
CA GLN A 141 9.62 9.49 -20.28
C GLN A 141 8.14 9.79 -20.01
N GLU A 142 7.25 9.16 -20.77
CA GLU A 142 5.83 9.40 -20.59
C GLU A 142 5.36 9.09 -19.16
N TYR A 143 6.05 8.17 -18.48
CA TYR A 143 5.60 7.70 -17.16
C TYR A 143 6.33 8.34 -16.00
N LEU A 144 7.16 9.31 -16.33
CA LEU A 144 7.73 10.19 -15.32
C LEU A 144 6.78 11.36 -15.05
N ALA A 145 5.77 11.50 -15.89
CA ALA A 145 4.74 12.53 -15.71
C ALA A 145 3.87 12.17 -14.52
N SER A 146 3.30 13.19 -13.88
CA SER A 146 2.50 12.98 -12.67
C SER A 146 1.47 14.10 -12.46
N ASN A 147 0.55 13.85 -11.54
CA ASN A 147 -0.36 14.85 -11.04
C ASN A 147 0.13 15.25 -9.65
N ASN A 148 -0.40 16.33 -9.08
CA ASN A 148 0.00 16.72 -7.74
C ASN A 148 -0.97 16.19 -6.66
N TYR A 149 -1.75 15.19 -7.02
CA TYR A 149 -2.69 14.58 -6.07
C TYR A 149 -2.94 13.16 -6.53
N ILE A 150 -3.47 12.35 -5.61
CA ILE A 150 -4.04 11.06 -5.99
C ILE A 150 -5.54 11.10 -5.76
N GLU A 151 -6.28 10.28 -6.49
CA GLU A 151 -7.69 10.16 -6.29
C GLU A 151 -7.88 9.08 -5.28
N SER A 152 -8.96 9.16 -4.53
CA SER A 152 -9.18 8.26 -3.41
C SER A 152 -10.47 7.44 -3.59
N GLY A 153 -10.39 6.14 -3.37
CA GLY A 153 -11.58 5.30 -3.54
C GLY A 153 -11.98 4.66 -2.21
N ALA A 154 -13.27 4.36 -2.08
CA ALA A 154 -13.79 3.68 -0.91
C ALA A 154 -13.66 2.17 -1.03
N ALA A 155 -13.44 1.50 0.09
CA ALA A 155 -13.50 0.04 0.11
C ALA A 155 -14.60 -0.41 1.07
N LEU A 156 -15.58 -1.14 0.54
CA LEU A 156 -16.72 -1.58 1.36
C LEU A 156 -16.69 -3.08 1.64
N GLY A 157 -16.97 -3.45 2.88
CA GLY A 157 -16.94 -4.84 3.27
C GLY A 157 -18.25 -5.55 3.00
N ILE A 158 -18.34 -6.79 3.45
CA ILE A 158 -19.59 -7.54 3.37
C ILE A 158 -20.31 -7.28 4.69
N PRO A 159 -21.57 -6.82 4.62
CA PRO A 159 -22.30 -6.42 5.82
C PRO A 159 -22.64 -7.62 6.70
N GLU A 160 -22.40 -7.47 8.00
CA GLU A 160 -22.60 -8.58 8.93
C GLU A 160 -24.04 -9.10 8.99
N ASP A 161 -25.01 -8.28 8.62
CA ASP A 161 -26.41 -8.71 8.67
C ASP A 161 -26.85 -9.35 7.35
N GLY A 162 -25.92 -9.42 6.40
CA GLY A 162 -26.20 -10.02 5.10
C GLY A 162 -27.28 -9.30 4.29
N ARG A 163 -27.57 -8.06 4.65
CA ARG A 163 -28.59 -7.30 3.95
C ARG A 163 -27.99 -6.41 2.87
N ILE A 164 -28.55 -6.47 1.67
CA ILE A 164 -28.07 -5.68 0.55
C ILE A 164 -28.21 -4.19 0.83
N GLU A 165 -29.26 -3.83 1.56
CA GLU A 165 -29.55 -2.44 1.86
C GLU A 165 -28.49 -1.84 2.80
N THR A 166 -27.85 -2.69 3.61
CA THR A 166 -26.84 -2.18 4.54
C THR A 166 -25.60 -1.78 3.73
N LEU A 167 -25.33 -2.57 2.69
CA LEU A 167 -24.22 -2.28 1.78
C LEU A 167 -24.55 -1.04 0.99
N ILE A 168 -25.81 -0.95 0.54
CA ILE A 168 -26.21 0.16 -0.31
C ILE A 168 -26.21 1.49 0.45
N HIS A 169 -26.57 1.45 1.73
CA HIS A 169 -26.49 2.65 2.56
C HIS A 169 -25.05 3.14 2.62
N GLN A 170 -24.12 2.21 2.60
CA GLN A 170 -22.71 2.57 2.66
C GLN A 170 -22.20 3.10 1.31
N VAL A 171 -22.82 2.65 0.23
CA VAL A 171 -22.46 3.12 -1.10
C VAL A 171 -22.90 4.58 -1.24
N GLU A 172 -24.06 4.87 -0.66
CA GLU A 172 -24.61 6.22 -0.72
C GLU A 172 -23.73 7.15 0.11
N GLU A 173 -23.31 6.69 1.29
CA GLU A 173 -22.47 7.52 2.15
C GLU A 173 -21.13 7.81 1.48
N SER A 174 -20.62 6.83 0.73
CA SER A 174 -19.33 6.97 0.06
C SER A 174 -19.41 8.04 -1.03
N LEU A 175 -20.53 8.07 -1.74
CA LEU A 175 -20.73 9.08 -2.80
C LEU A 175 -20.84 10.47 -2.21
N GLN A 176 -21.58 10.59 -1.13
CA GLN A 176 -21.78 11.86 -0.44
C GLN A 176 -20.46 12.36 0.13
N GLU A 177 -19.58 11.42 0.49
CA GLU A 177 -18.29 11.75 1.11
C GLU A 177 -17.25 12.20 0.09
N GLY A 178 -17.55 11.99 -1.18
CA GLY A 178 -16.71 12.49 -2.27
C GLY A 178 -15.76 11.46 -2.87
N TYR A 179 -15.81 10.21 -2.40
CA TYR A 179 -14.91 9.19 -2.93
C TYR A 179 -15.13 9.07 -4.44
N ARG A 180 -14.05 8.87 -5.19
CA ARG A 180 -14.11 8.85 -6.65
C ARG A 180 -14.22 7.43 -7.24
N ARG A 181 -14.30 6.44 -6.37
CA ARG A 181 -14.36 5.04 -6.78
C ARG A 181 -14.85 4.21 -5.60
N ILE A 182 -15.56 3.14 -5.90
CA ILE A 182 -15.98 2.17 -4.90
CA ILE A 182 -15.95 2.17 -4.90
C ILE A 182 -15.49 0.78 -5.28
N LYS A 183 -14.99 0.03 -4.31
CA LYS A 183 -14.78 -1.40 -4.53
C LYS A 183 -15.54 -2.16 -3.43
N ILE A 184 -16.16 -3.28 -3.75
CA ILE A 184 -16.90 -4.02 -2.72
C ILE A 184 -16.37 -5.43 -2.51
N LYS A 185 -16.35 -5.86 -1.25
CA LYS A 185 -15.91 -7.21 -0.96
C LYS A 185 -16.92 -8.24 -1.48
N ILE A 186 -16.40 -9.33 -2.02
CA ILE A 186 -17.24 -10.43 -2.42
C ILE A 186 -16.63 -11.75 -1.96
N LYS A 187 -17.41 -12.80 -2.03
CA LYS A 187 -16.98 -14.14 -1.69
C LYS A 187 -18.11 -14.98 -2.22
N PRO A 188 -17.89 -16.30 -2.39
CA PRO A 188 -18.96 -17.08 -3.01
C PRO A 188 -20.26 -17.02 -2.21
N GLY A 189 -21.35 -16.71 -2.89
CA GLY A 189 -22.65 -16.56 -2.22
C GLY A 189 -23.00 -15.11 -1.93
N TRP A 190 -22.02 -14.23 -1.96
CA TRP A 190 -22.23 -12.80 -1.79
C TRP A 190 -21.52 -12.16 -2.94
N ASP A 191 -22.06 -12.27 -4.12
CA ASP A 191 -21.35 -11.84 -5.30
C ASP A 191 -22.14 -11.12 -6.37
N VAL A 192 -22.95 -11.85 -7.11
CA VAL A 192 -23.69 -11.24 -8.20
C VAL A 192 -24.69 -10.19 -7.72
N GLU A 193 -25.41 -10.53 -6.67
CA GLU A 193 -26.45 -9.64 -6.18
C GLU A 193 -25.88 -8.32 -5.66
N PRO A 194 -24.98 -8.37 -4.67
CA PRO A 194 -24.46 -7.10 -4.17
C PRO A 194 -23.88 -6.25 -5.28
N LEU A 195 -23.18 -6.87 -6.22
CA LEU A 195 -22.53 -6.09 -7.29
C LEU A 195 -23.60 -5.46 -8.18
N GLN A 196 -24.71 -6.16 -8.34
CA GLN A 196 -25.79 -5.65 -9.17
C GLN A 196 -26.46 -4.46 -8.52
N GLU A 197 -26.78 -4.58 -7.24
CA GLU A 197 -27.42 -3.50 -6.51
C GLU A 197 -26.47 -2.33 -6.34
N THR A 198 -25.17 -2.60 -6.29
CA THR A 198 -24.20 -1.51 -6.17
C THR A 198 -24.08 -0.76 -7.49
N ARG A 199 -23.95 -1.49 -8.58
CA ARG A 199 -23.78 -0.84 -9.88
C ARG A 199 -24.89 0.15 -10.18
N ARG A 200 -26.11 -0.19 -9.79
CA ARG A 200 -27.23 0.67 -10.13
C ARG A 200 -27.39 1.83 -9.14
N ALA A 201 -26.95 1.62 -7.90
CA ALA A 201 -26.95 2.71 -6.95
C ALA A 201 -25.99 3.80 -7.40
N VAL A 202 -24.98 3.44 -8.19
CA VAL A 202 -23.97 4.40 -8.60
C VAL A 202 -24.00 4.72 -10.09
N GLY A 203 -24.72 3.92 -10.87
CA GLY A 203 -24.75 4.08 -12.33
C GLY A 203 -23.60 3.41 -13.04
N ASP A 204 -23.81 3.01 -14.29
CA ASP A 204 -22.78 2.30 -15.07
C ASP A 204 -21.47 3.06 -15.11
N HIS A 205 -21.58 4.38 -15.02
CA HIS A 205 -20.45 5.27 -15.22
C HIS A 205 -19.44 5.22 -14.08
N PHE A 206 -19.90 4.86 -12.88
CA PHE A 206 -19.06 5.10 -11.71
C PHE A 206 -17.98 4.02 -11.55
N PRO A 207 -16.71 4.44 -11.33
CA PRO A 207 -15.62 3.49 -11.17
C PRO A 207 -15.94 2.49 -10.07
N LEU A 208 -15.99 1.20 -10.42
CA LEU A 208 -16.41 0.17 -9.51
C LEU A 208 -15.65 -1.12 -9.78
N TRP A 209 -15.16 -1.76 -8.71
CA TRP A 209 -14.61 -3.12 -8.84
C TRP A 209 -14.90 -3.99 -7.63
N THR A 210 -14.63 -5.29 -7.76
CA THR A 210 -14.79 -6.25 -6.68
C THR A 210 -13.43 -6.61 -6.08
N ASP A 211 -13.45 -7.07 -4.83
CA ASP A 211 -12.26 -7.64 -4.20
C ASP A 211 -12.67 -8.92 -3.52
N ALA A 212 -12.34 -10.05 -4.14
CA ALA A 212 -12.78 -11.35 -3.64
C ALA A 212 -11.85 -11.92 -2.56
N ASN A 213 -10.69 -11.28 -2.37
CA ASN A 213 -9.67 -11.80 -1.45
C ASN A 213 -9.39 -13.30 -1.66
N SER A 214 -9.14 -13.68 -2.91
CA SER A 214 -8.78 -15.07 -3.26
C SER A 214 -9.79 -16.14 -2.88
N SER A 215 -11.04 -15.75 -2.59
CA SER A 215 -12.03 -16.68 -2.05
C SER A 215 -12.71 -17.56 -3.09
N PHE A 216 -12.41 -17.36 -4.39
CA PHE A 216 -13.00 -18.24 -5.41
C PHE A 216 -11.95 -19.16 -6.02
N GLU A 217 -12.40 -20.23 -6.68
CA GLU A 217 -11.55 -21.05 -7.54
C GLU A 217 -12.02 -20.87 -8.99
N LEU A 218 -11.20 -21.32 -9.94
CA LEU A 218 -11.49 -21.20 -11.35
C LEU A 218 -12.77 -21.91 -11.78
N ASP A 219 -13.13 -22.98 -11.09
CA ASP A 219 -14.28 -23.76 -11.52
C ASP A 219 -15.57 -23.06 -11.13
N GLN A 220 -15.44 -21.92 -10.45
CA GLN A 220 -16.58 -21.08 -10.11
C GLN A 220 -16.69 -19.94 -11.11
N TRP A 221 -16.01 -20.10 -12.25
CA TRP A 221 -15.90 -19.02 -13.22
C TRP A 221 -17.26 -18.51 -13.71
N GLU A 222 -18.25 -19.39 -13.79
CA GLU A 222 -19.55 -18.96 -14.26
C GLU A 222 -20.12 -17.83 -13.40
N THR A 223 -19.82 -17.84 -12.10
CA THR A 223 -20.24 -16.75 -11.24
C THR A 223 -19.66 -15.43 -11.76
N PHE A 224 -18.40 -15.44 -12.19
CA PHE A 224 -17.81 -14.24 -12.78
C PHE A 224 -18.51 -13.89 -14.08
N LYS A 225 -18.83 -14.91 -14.88
CA LYS A 225 -19.59 -14.67 -16.11
C LYS A 225 -20.84 -13.84 -15.84
N ALA A 226 -21.54 -14.16 -14.77
CA ALA A 226 -22.81 -13.51 -14.46
C ALA A 226 -22.56 -12.08 -14.01
N MET A 227 -21.43 -11.86 -13.33
CA MET A 227 -21.05 -10.52 -12.88
C MET A 227 -20.60 -9.61 -14.02
N ASP A 228 -20.49 -10.15 -15.24
CA ASP A 228 -20.07 -9.34 -16.39
C ASP A 228 -21.10 -8.27 -16.74
N ALA A 229 -22.34 -8.50 -16.36
CA ALA A 229 -23.43 -7.57 -16.63
C ALA A 229 -23.26 -6.25 -15.85
N ALA A 230 -22.62 -6.31 -14.68
CA ALA A 230 -22.39 -5.11 -13.88
C ALA A 230 -21.29 -4.22 -14.49
N LYS A 231 -20.59 -4.75 -15.49
CA LYS A 231 -19.56 -4.03 -16.23
C LYS A 231 -18.57 -3.24 -15.35
N CYS A 232 -17.97 -3.89 -14.35
CA CYS A 232 -17.06 -3.13 -13.52
C CYS A 232 -15.69 -3.10 -14.17
N LEU A 233 -14.77 -2.34 -13.57
CA LEU A 233 -13.47 -2.08 -14.18
C LEU A 233 -12.61 -3.34 -14.19
N PHE A 234 -12.71 -4.14 -13.13
CA PHE A 234 -11.92 -5.36 -13.03
C PHE A 234 -12.32 -6.15 -11.79
N HIS A 235 -11.83 -7.36 -11.65
CA HIS A 235 -12.02 -8.11 -10.45
C HIS A 235 -10.66 -8.28 -9.78
N GLU A 236 -10.56 -7.79 -8.57
CA GLU A 236 -9.33 -7.80 -7.83
C GLU A 236 -9.10 -9.12 -7.14
N GLN A 237 -8.01 -9.78 -7.49
CA GLN A 237 -7.53 -10.99 -6.82
C GLN A 237 -8.62 -12.01 -6.54
N PRO A 238 -9.28 -12.52 -7.56
CA PRO A 238 -10.43 -13.41 -7.36
C PRO A 238 -10.04 -14.83 -6.88
N LEU A 239 -8.85 -15.27 -7.27
CA LEU A 239 -8.35 -16.61 -6.94
C LEU A 239 -7.12 -16.58 -6.05
N HIS A 240 -6.66 -17.78 -5.66
CA HIS A 240 -5.50 -17.95 -4.79
C HIS A 240 -4.32 -17.20 -5.39
N TYR A 241 -3.51 -16.57 -4.54
CA TYR A 241 -2.38 -15.75 -5.05
C TYR A 241 -1.32 -16.51 -5.85
N GLU A 242 -1.25 -17.82 -5.65
CA GLU A 242 -0.28 -18.64 -6.36
C GLU A 242 -0.87 -19.31 -7.60
N ALA A 243 -2.15 -19.10 -7.88
CA ALA A 243 -2.81 -19.77 -9.03
C ALA A 243 -2.72 -18.92 -10.28
N LEU A 244 -1.48 -18.64 -10.68
CA LEU A 244 -1.23 -17.68 -11.75
C LEU A 244 -1.86 -18.03 -13.09
N LEU A 245 -1.71 -19.26 -13.53
CA LEU A 245 -2.30 -19.64 -14.81
C LEU A 245 -3.82 -19.69 -14.77
N ASP A 246 -4.36 -20.08 -13.62
CA ASP A 246 -5.80 -20.06 -13.41
C ASP A 246 -6.34 -18.63 -13.49
N LEU A 247 -5.55 -17.66 -13.02
CA LEU A 247 -5.98 -16.28 -13.08
C LEU A 247 -6.00 -15.78 -14.53
N LYS A 248 -4.99 -16.18 -15.30
CA LYS A 248 -4.95 -15.86 -16.72
C LYS A 248 -6.14 -16.50 -17.43
N GLU A 249 -6.41 -17.77 -17.11
CA GLU A 249 -7.51 -18.50 -17.72
C GLU A 249 -8.89 -17.92 -17.39
N LEU A 250 -9.12 -17.60 -16.12
CA LEU A 250 -10.35 -16.89 -15.78
C LEU A 250 -10.52 -15.66 -16.67
N GLY A 251 -9.45 -14.90 -16.81
CA GLY A 251 -9.50 -13.71 -17.63
C GLY A 251 -9.97 -14.01 -19.06
N GLU A 252 -9.69 -15.21 -19.53
CA GLU A 252 -10.02 -15.54 -20.91
C GLU A 252 -11.47 -15.98 -21.04
N ARG A 253 -12.04 -16.44 -19.93
CA ARG A 253 -13.44 -16.89 -19.92
C ARG A 253 -14.49 -15.79 -19.73
N ILE A 254 -14.06 -14.59 -19.31
CA ILE A 254 -15.00 -13.50 -19.07
C ILE A 254 -14.61 -12.20 -19.82
N GLU A 255 -15.47 -11.18 -19.76
CA GLU A 255 -15.19 -9.89 -20.38
C GLU A 255 -14.47 -8.95 -19.41
N THR A 256 -14.79 -9.05 -18.13
CA THR A 256 -14.22 -8.17 -17.11
C THR A 256 -12.78 -8.56 -16.77
N PRO A 257 -11.82 -7.61 -16.88
CA PRO A 257 -10.42 -7.97 -16.64
C PRO A 257 -10.14 -8.42 -15.19
N ILE A 258 -9.02 -9.10 -15.01
CA ILE A 258 -8.60 -9.59 -13.68
C ILE A 258 -7.45 -8.72 -13.18
N CYS A 259 -7.51 -8.37 -11.91
CA CYS A 259 -6.45 -7.55 -11.35
C CYS A 259 -5.70 -8.38 -10.31
N LEU A 260 -4.37 -8.22 -10.29
CA LEU A 260 -3.54 -8.90 -9.30
C LEU A 260 -3.21 -8.00 -8.12
N ASP A 261 -3.26 -8.54 -6.92
CA ASP A 261 -2.83 -7.82 -5.73
C ASP A 261 -1.86 -8.72 -5.01
N GLU A 262 -2.39 -9.65 -4.22
CA GLU A 262 -1.59 -10.60 -3.46
C GLU A 262 -0.53 -11.36 -4.26
N SER A 263 -0.80 -11.68 -5.52
CA SER A 263 0.19 -12.38 -6.35
C SER A 263 1.50 -11.60 -6.57
N LEU A 264 1.42 -10.27 -6.57
CA LEU A 264 2.57 -9.47 -6.98
C LEU A 264 3.48 -9.20 -5.79
N ILE A 265 4.27 -10.19 -5.40
CA ILE A 265 4.97 -10.08 -4.13
C ILE A 265 6.36 -9.46 -4.24
N SER A 266 6.85 -9.29 -5.47
CA SER A 266 8.22 -8.81 -5.69
C SER A 266 8.34 -8.43 -7.14
N SER A 267 9.41 -7.71 -7.45
CA SER A 267 9.65 -7.36 -8.85
C SER A 267 10.07 -8.57 -9.68
N ARG A 268 10.72 -9.55 -9.07
CA ARG A 268 11.08 -10.76 -9.82
C ARG A 268 9.85 -11.50 -10.27
N VAL A 269 8.85 -11.54 -9.41
CA VAL A 269 7.61 -12.18 -9.77
C VAL A 269 6.90 -11.33 -10.82
N ALA A 270 6.92 -10.01 -10.65
CA ALA A 270 6.31 -9.10 -11.61
C ALA A 270 6.87 -9.34 -13.03
N GLU A 271 8.18 -9.51 -13.12
CA GLU A 271 8.83 -9.76 -14.42
C GLU A 271 8.16 -10.88 -15.18
N PHE A 272 8.04 -12.04 -14.57
CA PHE A 272 7.50 -13.17 -15.32
C PHE A 272 5.98 -13.14 -15.43
N VAL A 273 5.32 -12.50 -14.47
CA VAL A 273 3.89 -12.26 -14.60
C VAL A 273 3.58 -11.35 -15.79
N ALA A 274 4.47 -10.37 -16.04
CA ALA A 274 4.30 -9.52 -17.21
C ALA A 274 4.57 -10.31 -18.50
N LYS A 275 5.66 -11.05 -18.50
CA LYS A 275 6.02 -11.89 -19.64
C LYS A 275 4.89 -12.85 -20.03
N LEU A 276 4.24 -13.45 -19.03
CA LEU A 276 3.19 -14.44 -19.29
C LEU A 276 1.83 -13.86 -19.62
N GLY A 277 1.68 -12.54 -19.51
CA GLY A 277 0.38 -11.90 -19.72
C GLY A 277 -0.72 -12.45 -18.82
N ILE A 278 -0.39 -12.64 -17.56
CA ILE A 278 -1.38 -13.09 -16.59
C ILE A 278 -2.51 -12.09 -16.36
N SER A 279 -2.13 -10.82 -16.26
CA SER A 279 -3.08 -9.76 -15.95
C SER A 279 -2.58 -8.40 -16.40
N ASN A 280 -3.51 -7.56 -16.87
CA ASN A 280 -3.15 -6.24 -17.36
C ASN A 280 -3.39 -5.11 -16.37
N ILE A 281 -3.79 -5.47 -15.15
CA ILE A 281 -4.10 -4.48 -14.11
C ILE A 281 -3.53 -4.97 -12.77
N TRP A 282 -2.59 -4.19 -12.22
CA TRP A 282 -1.84 -4.56 -11.03
C TRP A 282 -2.06 -3.57 -9.90
N ASN A 283 -2.25 -4.09 -8.70
CA ASN A 283 -2.26 -3.27 -7.50
C ASN A 283 -0.89 -3.24 -6.87
N ILE A 284 -0.49 -2.06 -6.41
CA ILE A 284 0.80 -1.88 -5.76
CA ILE A 284 0.80 -1.88 -5.77
C ILE A 284 0.64 -1.51 -4.30
N LYS A 285 1.15 -2.36 -3.42
CA LYS A 285 1.20 -2.05 -1.98
C LYS A 285 2.65 -2.15 -1.61
N ILE A 286 3.17 -1.05 -1.11
CA ILE A 286 4.55 -0.94 -0.77
C ILE A 286 4.95 -1.93 0.31
N GLN A 287 4.09 -2.08 1.32
CA GLN A 287 4.38 -3.06 2.36
C GLN A 287 4.46 -4.48 1.79
N ARG A 288 3.57 -4.80 0.86
CA ARG A 288 3.53 -6.17 0.35
C ARG A 288 4.85 -6.51 -0.34
N VAL A 289 5.40 -5.53 -1.06
CA VAL A 289 6.61 -5.79 -1.85
C VAL A 289 7.91 -5.51 -1.13
N GLY A 290 7.81 -5.06 0.12
CA GLY A 290 8.99 -4.85 0.96
C GLY A 290 9.71 -3.53 0.76
N GLY A 291 9.00 -2.49 0.32
CA GLY A 291 9.58 -1.15 0.24
C GLY A 291 9.43 -0.42 -1.08
N LEU A 292 9.91 0.81 -1.10
CA LEU A 292 9.61 1.73 -2.18
C LEU A 292 10.40 1.45 -3.46
N LEU A 293 11.67 1.06 -3.32
CA LEU A 293 12.47 0.75 -4.51
C LEU A 293 11.87 -0.42 -5.28
N GLU A 294 11.47 -1.44 -4.52
CA GLU A 294 10.84 -2.61 -5.12
C GLU A 294 9.56 -2.17 -5.82
N ALA A 295 8.76 -1.33 -5.15
CA ALA A 295 7.57 -0.78 -5.77
C ALA A 295 7.91 -0.06 -7.08
N ILE A 296 8.97 0.74 -7.06
CA ILE A 296 9.38 1.45 -8.26
C ILE A 296 9.85 0.52 -9.39
N LYS A 297 10.53 -0.57 -9.06
CA LYS A 297 10.94 -1.55 -10.05
C LYS A 297 9.75 -2.21 -10.69
N ILE A 298 8.73 -2.46 -9.89
CA ILE A 298 7.48 -3.00 -10.39
C ILE A 298 6.76 -1.98 -11.28
N TYR A 299 6.74 -0.72 -10.86
CA TYR A 299 6.23 0.37 -11.69
C TYR A 299 6.86 0.37 -13.09
N LYS A 300 8.18 0.23 -13.16
CA LYS A 300 8.86 0.21 -14.45
C LYS A 300 8.40 -0.98 -15.30
N ILE A 301 8.27 -2.14 -14.67
CA ILE A 301 7.88 -3.33 -15.41
C ILE A 301 6.47 -3.16 -15.97
N ALA A 302 5.55 -2.70 -15.12
CA ALA A 302 4.19 -2.45 -15.58
C ALA A 302 4.14 -1.46 -16.74
N THR A 303 4.78 -0.31 -16.56
CA THR A 303 4.64 0.75 -17.54
C THR A 303 5.38 0.38 -18.83
N ASP A 304 6.43 -0.44 -18.71
CA ASP A 304 7.11 -0.98 -19.88
C ASP A 304 6.16 -1.85 -20.69
N ASN A 305 5.19 -2.46 -20.01
CA ASN A 305 4.31 -3.43 -20.68
C ASN A 305 2.86 -2.99 -20.89
N GLY A 306 2.56 -1.72 -20.63
CA GLY A 306 1.24 -1.19 -20.86
C GLY A 306 0.28 -1.68 -19.80
N ILE A 307 0.84 -2.15 -18.68
CA ILE A 307 -0.01 -2.65 -17.57
C ILE A 307 -0.47 -1.50 -16.67
N LYS A 308 -1.77 -1.46 -16.38
CA LYS A 308 -2.38 -0.35 -15.68
C LYS A 308 -2.15 -0.60 -14.19
N LEU A 309 -1.87 0.47 -13.44
CA LEU A 309 -1.62 0.35 -12.01
C LEU A 309 -2.62 1.14 -11.15
N TRP A 310 -2.77 0.72 -9.89
CA TRP A 310 -3.42 1.57 -8.93
C TRP A 310 -2.79 1.25 -7.56
N GLY A 311 -2.84 2.18 -6.63
CA GLY A 311 -2.16 2.00 -5.34
C GLY A 311 -3.11 1.55 -4.25
N GLY A 312 -2.61 0.70 -3.36
CA GLY A 312 -3.40 0.27 -2.21
C GLY A 312 -2.56 0.37 -0.96
N THR A 313 -3.20 0.21 0.18
CA THR A 313 -2.52 0.21 1.48
C THR A 313 -3.14 -0.87 2.37
N MET A 314 -2.45 -1.23 3.46
CA MET A 314 -2.86 -2.36 4.29
C MET A 314 -4.21 -2.24 5.02
N PRO A 315 -4.50 -1.12 5.66
CA PRO A 315 -3.76 0.12 5.64
C PRO A 315 -2.83 0.32 6.80
N GLU A 316 -1.89 1.23 6.63
CA GLU A 316 -0.97 1.63 7.65
C GLU A 316 -1.53 2.86 8.33
N SER A 317 -0.72 3.51 9.15
CA SER A 317 -1.01 4.85 9.63
C SER A 317 -0.69 5.84 8.52
N GLY A 318 -1.02 7.09 8.73
CA GLY A 318 -0.71 8.14 7.80
C GLY A 318 0.74 8.12 7.36
N LEU A 319 1.64 7.63 8.22
CA LEU A 319 3.07 7.63 7.88
C LEU A 319 3.37 6.68 6.72
N GLY A 320 2.96 5.42 6.86
CA GLY A 320 3.12 4.46 5.77
C GLY A 320 2.45 4.94 4.49
N ALA A 321 1.25 5.50 4.62
CA ALA A 321 0.52 6.06 3.47
C ALA A 321 1.30 7.12 2.69
N ARG A 322 2.12 7.93 3.36
CA ARG A 322 2.96 8.95 2.68
C ARG A 322 3.80 8.37 1.57
N PHE A 323 4.39 7.22 1.83
CA PHE A 323 5.21 6.56 0.82
C PHE A 323 4.41 6.24 -0.41
N LEU A 324 3.20 5.70 -0.23
CA LEU A 324 2.32 5.43 -1.37
C LEU A 324 1.81 6.71 -2.05
N ILE A 325 1.48 7.73 -1.27
CA ILE A 325 0.89 8.94 -1.82
C ILE A 325 1.82 9.59 -2.86
N SER A 326 3.12 9.70 -2.56
CA SER A 326 4.04 10.29 -3.53
C SER A 326 4.13 9.42 -4.79
N LEU A 327 4.34 8.12 -4.58
CA LEU A 327 4.45 7.14 -5.66
C LEU A 327 3.21 7.12 -6.55
N ALA A 328 2.03 7.11 -5.93
CA ALA A 328 0.80 6.87 -6.69
C ALA A 328 0.29 8.04 -7.55
N SER A 329 0.98 9.18 -7.51
CA SER A 329 0.58 10.33 -8.34
C SER A 329 1.15 10.26 -9.75
N PHE A 330 2.08 9.32 -10.00
CA PHE A 330 2.70 9.24 -11.34
C PHE A 330 1.71 8.69 -12.36
N ARG A 331 1.95 8.97 -13.64
CA ARG A 331 1.03 8.64 -14.73
CA ARG A 331 1.01 8.64 -14.71
C ARG A 331 0.63 7.17 -14.80
N GLY A 332 1.52 6.29 -14.39
CA GLY A 332 1.22 4.85 -14.45
C GLY A 332 -0.03 4.48 -13.66
N PHE A 333 -0.34 5.28 -12.64
CA PHE A 333 -1.47 4.99 -11.75
C PHE A 333 -2.74 5.61 -12.31
N VAL A 334 -3.69 4.76 -12.73
CA VAL A 334 -4.84 5.21 -13.51
C VAL A 334 -6.20 4.94 -12.86
N PHE A 335 -6.23 4.39 -11.66
CA PHE A 335 -7.49 4.31 -10.93
C PHE A 335 -7.27 4.84 -9.51
N PRO A 336 -8.33 5.31 -8.85
CA PRO A 336 -8.23 5.80 -7.47
C PRO A 336 -7.65 4.77 -6.50
N ALA A 337 -6.89 5.27 -5.53
CA ALA A 337 -6.13 4.43 -4.62
C ALA A 337 -6.89 4.17 -3.34
N ASP A 338 -6.52 3.11 -2.63
CA ASP A 338 -7.05 2.85 -1.29
C ASP A 338 -6.11 3.52 -0.32
N VAL A 339 -6.46 4.73 0.11
CA VAL A 339 -5.70 5.44 1.14
C VAL A 339 -6.65 6.04 2.17
N ALA A 340 -6.43 5.74 3.43
CA ALA A 340 -7.28 6.26 4.50
C ALA A 340 -7.07 7.75 4.76
N ALA A 341 -8.15 8.52 4.65
CA ALA A 341 -8.14 9.91 5.09
C ALA A 341 -8.07 9.93 6.61
N SER A 342 -7.02 10.54 7.15
CA SER A 342 -6.85 10.57 8.60
C SER A 342 -8.13 10.85 9.41
N GLU A 343 -8.78 11.96 9.13
CA GLU A 343 -9.88 12.47 9.91
C GLU A 343 -11.02 11.47 10.07
N LYS A 344 -11.32 10.79 8.99
CA LYS A 344 -12.39 9.80 8.96
C LYS A 344 -12.13 8.67 9.96
N TRP A 345 -10.95 8.08 9.88
CA TRP A 345 -10.63 6.87 10.62
C TRP A 345 -10.12 7.06 12.04
N TYR A 346 -9.42 8.15 12.29
CA TYR A 346 -8.81 8.36 13.61
C TYR A 346 -9.35 9.60 14.32
N GLY A 347 -10.04 10.48 13.59
CA GLY A 347 -10.36 11.80 14.11
C GLY A 347 -9.28 12.77 13.67
N LYS A 348 -9.65 14.02 13.48
CA LYS A 348 -8.74 15.03 12.96
C LYS A 348 -7.51 15.17 13.85
N GLY A 349 -6.33 15.22 13.24
CA GLY A 349 -5.08 15.40 13.96
C GLY A 349 -4.58 14.21 14.77
N ASN A 350 -5.36 13.13 14.84
CA ASN A 350 -5.06 11.97 15.68
C ASN A 350 -4.16 10.89 15.04
N ASP A 351 -4.08 10.90 13.72
CA ASP A 351 -3.20 10.02 12.98
C ASP A 351 -1.76 10.45 13.29
N LEU A 352 -0.80 9.60 12.96
CA LEU A 352 0.62 9.90 13.18
C LEU A 352 1.04 11.09 12.34
N VAL A 353 0.62 11.08 11.10
CA VAL A 353 0.67 12.30 10.29
C VAL A 353 -0.67 12.39 9.58
N GLU A 354 -1.05 13.61 9.21
CA GLU A 354 -2.37 13.87 8.68
C GLU A 354 -2.41 13.80 7.15
N ASN A 355 -3.27 12.94 6.62
CA ASN A 355 -3.51 12.96 5.18
C ASN A 355 -4.96 13.35 4.95
N THR A 356 -5.16 14.43 4.20
CA THR A 356 -6.49 15.03 4.10
C THR A 356 -7.14 14.78 2.73
N MET A 357 -8.38 14.28 2.74
CA MET A 357 -9.14 14.04 1.47
C MET A 357 -10.11 15.20 1.24
N THR A 358 -9.95 15.86 0.09
CA THR A 358 -10.79 16.98 -0.29
C THR A 358 -11.37 16.63 -1.65
N ASP A 359 -12.69 16.66 -1.77
CA ASP A 359 -13.38 16.24 -2.99
C ASP A 359 -12.76 15.00 -3.58
N GLY A 360 -12.54 13.99 -2.74
CA GLY A 360 -12.00 12.71 -3.17
C GLY A 360 -10.57 12.72 -3.68
N LYS A 361 -9.80 13.75 -3.31
CA LYS A 361 -8.38 13.84 -3.66
C LYS A 361 -7.49 13.98 -2.44
N ILE A 362 -6.33 13.34 -2.47
CA ILE A 362 -5.31 13.60 -1.48
C ILE A 362 -4.07 14.20 -2.17
N TYR A 363 -3.70 15.40 -1.77
CA TYR A 363 -2.60 16.09 -2.43
C TYR A 363 -1.24 15.57 -2.01
N VAL A 364 -0.31 15.53 -2.96
CA VAL A 364 1.05 15.07 -2.70
C VAL A 364 1.83 16.16 -2.00
N PRO A 365 2.42 15.83 -0.83
CA PRO A 365 3.27 16.79 -0.13
C PRO A 365 4.44 17.27 -0.98
N ASP A 366 4.80 18.55 -0.85
CA ASP A 366 5.96 19.13 -1.52
CA ASP A 366 5.98 19.04 -1.53
C ASP A 366 7.13 19.27 -0.57
N GLU A 367 6.86 19.12 0.73
CA GLU A 367 7.91 19.22 1.74
C GLU A 367 8.75 17.94 1.70
N PRO A 368 9.90 17.96 2.38
CA PRO A 368 10.85 16.85 2.30
C PRO A 368 10.38 15.57 2.98
N GLY A 369 10.48 14.46 2.27
CA GLY A 369 10.28 13.16 2.88
C GLY A 369 8.87 12.85 3.32
N ALA A 370 8.77 12.02 4.35
CA ALA A 370 7.48 11.52 4.81
C ALA A 370 7.11 12.09 6.17
N SER A 371 8.12 12.42 6.98
CA SER A 371 7.87 12.75 8.37
C SER A 371 8.04 14.25 8.66
N PHE A 372 8.05 15.07 7.61
CA PHE A 372 8.27 16.52 7.78
C PHE A 372 7.37 17.16 8.83
N ASP A 373 6.13 16.68 8.92
CA ASP A 373 5.17 17.28 9.82
C ASP A 373 4.90 16.45 11.07
N MET A 374 5.69 15.41 11.31
CA MET A 374 5.54 14.57 12.50
C MET A 374 6.44 15.12 13.59
N THR A 375 5.86 15.66 14.66
CA THR A 375 6.68 16.07 15.79
C THR A 375 7.04 14.87 16.66
N LEU A 376 8.20 14.96 17.29
CA LEU A 376 8.63 13.88 18.15
C LEU A 376 7.61 13.67 19.27
N SER A 377 7.07 14.77 19.81
CA SER A 377 6.17 14.60 20.95
C SER A 377 4.84 13.94 20.52
N HIS A 378 4.42 14.17 19.29
CA HIS A 378 3.20 13.52 18.81
C HIS A 378 3.43 12.00 18.66
N LEU A 379 4.62 11.64 18.19
CA LEU A 379 5.02 10.24 18.05
C LEU A 379 5.02 9.59 19.43
N GLU A 380 5.64 10.27 20.39
CA GLU A 380 5.69 9.76 21.76
C GLU A 380 4.31 9.70 22.42
N ALA A 381 3.37 10.48 21.92
CA ALA A 381 2.02 10.48 22.48
C ALA A 381 1.22 9.29 21.91
N LEU A 382 1.60 8.84 20.71
CA LEU A 382 0.89 7.76 20.05
C LEU A 382 1.53 6.39 20.28
N GLY A 383 2.73 6.38 20.82
CA GLY A 383 3.43 5.12 21.00
C GLY A 383 4.61 5.20 21.93
N LYS A 384 5.31 4.08 22.05
CA LYS A 384 6.45 4.00 22.97
C LYS A 384 7.63 3.36 22.27
N LYS A 385 8.80 3.86 22.59
CA LYS A 385 10.04 3.24 22.15
C LYS A 385 10.20 1.88 22.86
N ILE A 386 10.28 0.81 22.07
CA ILE A 386 10.33 -0.52 22.65
C ILE A 386 11.70 -1.17 22.48
N TRP A 387 12.54 -0.59 21.65
CA TRP A 387 13.88 -1.12 21.41
C TRP A 387 14.76 -0.03 20.83
N GLU A 388 16.05 -0.06 21.14
CA GLU A 388 16.99 0.86 20.52
C GLU A 388 18.43 0.38 20.63
N SER A 389 19.30 0.91 19.78
CA SER A 389 20.73 0.60 19.86
C SER A 389 21.53 1.65 19.11
N GLN A 390 22.70 1.97 19.65
CA GLN A 390 23.52 3.07 19.12
C GLN A 390 24.86 2.57 18.58
#